data_4WZK
#
_entry.id   4WZK
#
_cell.length_a   114.990
_cell.length_b   58.810
_cell.length_c   98.020
_cell.angle_alpha   90.000
_cell.angle_beta   108.110
_cell.angle_gamma   90.000
#
_symmetry.space_group_name_H-M   'C 1 2 1'
#
loop_
_entity.id
_entity.type
_entity.pdbx_description
1 polymer VP1
2 branched alpha-L-fucopyranose-(1-2)-beta-D-galactopyranose-(1-4)-2-acetamido-2-deoxy-alpha-D-glucopyranose
3 non-polymer 'ACETATE ION'
4 water water
#
_entity_poly.entity_id   1
_entity_poly.type   'polypeptide(L)'
_entity_poly.pdbx_seq_one_letter_code
;TGSKPFTVPILTVEEMTNSRFPIPLEKLFTGPSGAFVVQPQNGRCTTDGVLLGTTQLSPVNICTFRGDVTHIAGSRNYTM
NLASLNWNNYDPTEEIPAPLGTPDFVGKIQGLLTQTTKGDGSTRGHKATVYTGSAPFTPKLGSVQFSTDTENDFETHQNT
KFTPVGVIQDGSTTHRNEPQQWVLPSYSGRNVHNVHLAPAVAPTFPGEQLLFFRSTMPGCSGYPNMDLDCLLPQEWVQHF
YQEAAPAQSDVALLRFVNPDTGRVLFECKLHKSGYVTVAHTGQHDLVIPPNGYFRFDSWVNQFYTLAPM
;
_entity_poly.pdbx_strand_id   A,B
#
# COMPACT_ATOMS: atom_id res chain seq x y z
N THR A 1 -16.97 -29.45 12.80
CA THR A 1 -18.33 -29.79 12.36
C THR A 1 -18.59 -29.32 10.94
N GLY A 2 -17.57 -29.39 10.07
CA GLY A 2 -17.71 -29.03 8.67
C GLY A 2 -17.70 -27.55 8.34
N SER A 3 -17.24 -26.72 9.28
CA SER A 3 -17.04 -25.32 8.98
C SER A 3 -15.81 -25.11 8.08
N LYS A 4 -15.84 -24.07 7.26
CA LYS A 4 -14.66 -23.73 6.47
C LYS A 4 -13.49 -23.47 7.42
N PRO A 5 -12.36 -24.21 7.24
CA PRO A 5 -11.27 -24.03 8.20
C PRO A 5 -10.70 -22.63 8.21
N PHE A 6 -10.57 -22.10 9.42
CA PHE A 6 -9.99 -20.77 9.59
C PHE A 6 -8.47 -20.82 9.46
N THR A 7 -7.90 -19.81 8.80
CA THR A 7 -6.45 -19.64 8.73
C THR A 7 -6.03 -18.17 8.82
N VAL A 8 -4.75 -17.96 9.13
CA VAL A 8 -4.16 -16.62 8.97
C VAL A 8 -3.04 -16.73 7.93
N PRO A 9 -2.67 -15.60 7.33
CA PRO A 9 -1.58 -15.63 6.35
C PRO A 9 -0.28 -16.12 6.96
N ILE A 10 0.57 -16.67 6.10
CA ILE A 10 1.90 -17.12 6.52
C ILE A 10 2.98 -16.06 6.27
N LEU A 11 2.57 -14.86 5.86
CA LEU A 11 3.52 -13.74 5.73
C LEU A 11 4.12 -13.41 7.08
N THR A 12 5.41 -13.09 7.09
CA THR A 12 6.07 -12.67 8.30
C THR A 12 5.68 -11.24 8.64
N VAL A 13 5.95 -10.82 9.86
CA VAL A 13 5.62 -9.47 10.28
C VAL A 13 6.20 -8.42 9.32
N GLU A 14 7.47 -8.57 8.95
CA GLU A 14 8.14 -7.59 8.08
C GLU A 14 7.68 -7.64 6.64
N GLU A 15 6.96 -8.70 6.27
CA GLU A 15 6.35 -8.84 4.94
C GLU A 15 4.94 -8.25 4.88
N MET A 16 4.46 -7.69 5.98
CA MET A 16 3.08 -7.15 6.04
C MET A 16 3.04 -5.64 6.27
N THR A 17 1.83 -5.12 6.15
CA THR A 17 1.57 -3.69 6.05
C THR A 17 0.71 -3.24 7.22
N ASN A 18 1.02 -2.07 7.76
CA ASN A 18 0.19 -1.46 8.80
C ASN A 18 -1.20 -1.14 8.22
N SER A 19 -2.24 -1.42 8.99
CA SER A 19 -3.60 -1.16 8.55
C SER A 19 -4.10 0.22 8.90
N ARG A 20 -3.27 1.03 9.55
CA ARG A 20 -3.68 2.38 9.97
C ARG A 20 -2.91 3.49 9.27
N PHE A 21 -1.92 3.13 8.46
CA PHE A 21 -1.13 4.10 7.69
C PHE A 21 -0.36 3.30 6.65
N PRO A 22 -0.17 3.82 5.41
CA PRO A 22 0.42 2.99 4.34
C PRO A 22 1.95 2.83 4.43
N ILE A 23 2.37 2.07 5.43
CA ILE A 23 3.78 1.79 5.68
C ILE A 23 3.94 0.37 6.14
N PRO A 24 5.12 -0.22 5.92
CA PRO A 24 5.32 -1.58 6.41
C PRO A 24 5.28 -1.74 7.92
N LEU A 25 4.89 -2.92 8.35
CA LEU A 25 5.08 -3.28 9.74
C LEU A 25 6.56 -3.45 10.02
N GLU A 26 6.94 -3.14 11.27
CA GLU A 26 8.32 -3.30 11.73
C GLU A 26 8.50 -4.34 12.83
N LYS A 27 7.54 -4.42 13.74
CA LYS A 27 7.73 -5.20 14.93
C LYS A 27 6.43 -5.46 15.67
N LEU A 28 6.49 -6.35 16.65
CA LEU A 28 5.41 -6.65 17.56
C LEU A 28 5.68 -5.99 18.89
N PHE A 29 4.65 -5.42 19.50
CA PHE A 29 4.76 -4.75 20.77
C PHE A 29 3.58 -5.09 21.66
N THR A 30 3.84 -5.31 22.95
CA THR A 30 2.75 -5.45 23.94
C THR A 30 3.00 -4.49 25.09
N GLY A 31 1.93 -3.97 25.67
CA GLY A 31 2.00 -3.17 26.86
C GLY A 31 0.65 -3.07 27.49
N PRO A 32 0.58 -2.60 28.74
CA PRO A 32 -0.70 -2.34 29.40
C PRO A 32 -1.44 -1.21 28.68
N SER A 33 -2.76 -1.25 28.70
CA SER A 33 -3.54 -0.26 27.95
C SER A 33 -4.69 0.31 28.79
N GLY A 34 -4.59 0.19 30.10
CA GLY A 34 -5.59 0.79 30.96
C GLY A 34 -5.59 2.31 30.91
N ALA A 35 -4.45 2.92 30.58
CA ALA A 35 -4.32 4.38 30.63
C ALA A 35 -4.84 5.07 29.35
N PHE A 36 -5.29 4.28 28.39
CA PHE A 36 -5.85 4.87 27.18
C PHE A 36 -6.97 3.98 26.62
N VAL A 37 -7.72 4.54 25.67
CA VAL A 37 -8.78 3.79 25.03
C VAL A 37 -8.27 3.30 23.67
N VAL A 38 -8.36 2.00 23.44
CA VAL A 38 -7.92 1.43 22.17
C VAL A 38 -9.13 1.20 21.28
N GLN A 39 -9.41 2.17 20.41
CA GLN A 39 -10.59 2.15 19.56
C GLN A 39 -10.26 2.61 18.14
N PRO A 40 -9.19 2.07 17.53
CA PRO A 40 -8.93 2.47 16.14
C PRO A 40 -10.06 2.05 15.21
N GLN A 41 -10.21 2.76 14.10
CA GLN A 41 -11.29 2.47 13.17
C GLN A 41 -10.82 1.86 11.87
N ASN A 42 -9.53 2.01 11.57
CA ASN A 42 -8.88 1.30 10.46
C ASN A 42 -8.20 0.06 11.00
N GLY A 43 -8.05 -0.95 10.15
CA GLY A 43 -7.56 -2.24 10.58
C GLY A 43 -8.47 -3.00 11.52
N ARG A 44 -9.77 -2.90 11.25
CA ARG A 44 -10.79 -3.54 12.07
C ARG A 44 -11.62 -4.50 11.20
N CYS A 45 -11.61 -5.75 11.58
CA CYS A 45 -12.22 -6.79 10.81
C CYS A 45 -12.40 -8.01 11.72
N THR A 46 -13.57 -8.63 11.65
CA THR A 46 -13.79 -9.86 12.38
C THR A 46 -13.07 -10.99 11.68
N THR A 47 -12.82 -12.07 12.41
CA THR A 47 -12.14 -13.20 11.81
C THR A 47 -12.96 -13.89 10.70
N ASP A 48 -14.28 -13.72 10.68
CA ASP A 48 -15.02 -14.25 9.56
C ASP A 48 -15.26 -13.18 8.47
N GLY A 49 -14.50 -12.09 8.53
CA GLY A 49 -14.37 -11.21 7.38
C GLY A 49 -15.32 -10.04 7.26
N VAL A 50 -15.90 -9.59 8.38
CA VAL A 50 -16.76 -8.42 8.35
C VAL A 50 -15.92 -7.20 8.70
N LEU A 51 -15.78 -6.30 7.73
CA LEU A 51 -15.08 -5.03 7.95
C LEU A 51 -15.84 -4.13 8.91
N LEU A 52 -15.09 -3.48 9.79
CA LEU A 52 -15.67 -2.61 10.82
C LEU A 52 -15.13 -1.18 10.72
N GLY A 53 -15.82 -0.24 11.34
CA GLY A 53 -15.32 1.11 11.42
C GLY A 53 -15.20 1.74 10.04
N THR A 54 -14.03 2.31 9.77
CA THR A 54 -13.74 2.91 8.49
C THR A 54 -12.83 2.01 7.65
N THR A 55 -12.78 0.73 8.01
CA THR A 55 -11.83 -0.18 7.37
C THR A 55 -12.28 -0.55 5.95
N GLN A 56 -11.33 -0.45 5.03
CA GLN A 56 -11.51 -0.88 3.66
C GLN A 56 -10.28 -1.73 3.27
N LEU A 57 -10.25 -2.22 2.04
CA LEU A 57 -9.35 -3.33 1.68
C LEU A 57 -8.00 -2.91 1.16
N SER A 58 -7.88 -1.68 0.69
CA SER A 58 -6.64 -1.24 0.06
C SER A 58 -5.60 -0.74 1.05
N PRO A 59 -4.39 -1.29 1.00
CA PRO A 59 -3.32 -0.75 1.85
C PRO A 59 -2.92 0.69 1.48
N VAL A 60 -3.14 1.10 0.24
CA VAL A 60 -2.68 2.41 -0.21
C VAL A 60 -3.80 3.45 -0.26
N ASN A 61 -4.96 3.13 0.27
CA ASN A 61 -6.00 4.14 0.40
C ASN A 61 -6.17 4.61 1.87
N ILE A 62 -5.32 4.16 2.74
CA ILE A 62 -5.47 4.50 4.14
C ILE A 62 -4.88 5.89 4.35
N CYS A 63 -5.68 6.77 4.96
CA CYS A 63 -5.34 8.17 5.20
C CYS A 63 -5.21 9.01 3.92
N THR A 64 -5.83 8.53 2.85
CA THR A 64 -5.98 9.31 1.63
C THR A 64 -7.34 10.03 1.64
N PHE A 65 -7.41 11.08 0.83
CA PHE A 65 -8.68 11.81 0.57
C PHE A 65 -8.75 12.14 -0.91
N ARG A 66 -9.97 12.19 -1.45
CA ARG A 66 -10.22 12.47 -2.86
CA ARG A 66 -10.18 12.52 -2.85
C ARG A 66 -11.43 13.39 -2.95
N GLY A 67 -11.43 14.28 -3.94
CA GLY A 67 -12.58 15.15 -4.14
C GLY A 67 -12.18 16.34 -4.99
N ASP A 68 -12.81 17.46 -4.73
CA ASP A 68 -12.38 18.69 -5.34
C ASP A 68 -12.28 19.78 -4.30
N VAL A 69 -11.57 20.84 -4.64
CA VAL A 69 -11.19 21.82 -3.64
C VAL A 69 -11.66 23.22 -3.97
N THR A 70 -11.83 23.98 -2.89
CA THR A 70 -12.22 25.38 -2.93
C THR A 70 -11.24 26.14 -2.07
N HIS A 71 -10.72 27.24 -2.61
CA HIS A 71 -9.76 28.04 -1.89
C HIS A 71 -10.44 28.90 -0.85
N ILE A 72 -9.88 28.92 0.35
CA ILE A 72 -10.36 29.85 1.39
C ILE A 72 -9.60 31.16 1.27
N ALA A 73 -10.29 32.24 0.91
CA ALA A 73 -9.65 33.51 0.61
C ALA A 73 -8.84 34.02 1.80
N GLY A 74 -7.68 34.60 1.51
CA GLY A 74 -6.83 35.17 2.56
C GLY A 74 -5.98 34.14 3.29
N SER A 75 -5.83 32.96 2.70
CA SER A 75 -5.07 31.87 3.32
C SER A 75 -4.47 30.98 2.25
N ARG A 76 -3.71 29.98 2.70
CA ARG A 76 -3.22 28.88 1.86
C ARG A 76 -4.02 27.60 2.14
N ASN A 77 -5.24 27.77 2.65
CA ASN A 77 -6.09 26.65 2.98
C ASN A 77 -7.07 26.38 1.86
N TYR A 78 -7.36 25.09 1.68
CA TYR A 78 -8.33 24.61 0.72
C TYR A 78 -9.31 23.68 1.42
N THR A 79 -10.59 23.85 1.14
CA THR A 79 -11.59 22.91 1.59
C THR A 79 -11.76 21.86 0.53
N MET A 80 -11.68 20.59 0.91
CA MET A 80 -11.94 19.52 -0.02
C MET A 80 -13.34 19.00 0.21
N ASN A 81 -14.14 19.04 -0.85
CA ASN A 81 -15.44 18.39 -0.87
C ASN A 81 -15.20 16.94 -1.28
N LEU A 82 -15.39 16.03 -0.35
CA LEU A 82 -14.97 14.64 -0.54
C LEU A 82 -15.82 13.91 -1.55
N ALA A 83 -15.13 13.04 -2.27
CA ALA A 83 -15.71 12.04 -3.17
C ALA A 83 -15.46 10.67 -2.58
N SER A 84 -16.08 9.65 -3.18
CA SER A 84 -15.87 8.27 -2.71
C SER A 84 -14.51 7.77 -3.19
N LEU A 85 -14.16 6.54 -2.80
CA LEU A 85 -12.88 5.92 -3.15
C LEU A 85 -12.65 5.92 -4.66
N ASN A 86 -13.70 5.72 -5.47
CA ASN A 86 -13.55 5.73 -6.93
C ASN A 86 -14.08 7.01 -7.63
N TRP A 87 -14.06 8.14 -6.93
CA TRP A 87 -14.40 9.46 -7.50
C TRP A 87 -15.90 9.69 -7.74
N ASN A 88 -16.75 8.84 -7.16
CA ASN A 88 -18.21 9.06 -7.19
C ASN A 88 -18.66 9.94 -6.04
N ASN A 89 -19.94 10.31 -6.05
CA ASN A 89 -20.46 11.11 -4.97
C ASN A 89 -20.25 10.43 -3.62
N TYR A 90 -19.83 11.19 -2.62
CA TYR A 90 -19.79 10.68 -1.25
C TYR A 90 -21.19 10.73 -0.61
N ASP A 91 -21.53 9.67 0.12
CA ASP A 91 -22.83 9.51 0.77
C ASP A 91 -22.73 9.55 2.31
N PRO A 92 -23.09 10.69 2.94
CA PRO A 92 -22.90 10.82 4.39
C PRO A 92 -23.86 9.98 5.23
N THR A 93 -24.86 9.37 4.60
CA THR A 93 -25.88 8.61 5.31
C THR A 93 -25.47 7.16 5.47
N GLU A 94 -24.36 6.78 4.85
CA GLU A 94 -23.89 5.42 4.97
C GLU A 94 -23.56 5.15 6.43
N GLU A 95 -23.86 3.95 6.90
CA GLU A 95 -23.72 3.64 8.32
C GLU A 95 -22.29 3.29 8.65
N ILE A 96 -21.44 4.28 8.49
CA ILE A 96 -20.02 4.20 8.83
C ILE A 96 -19.63 5.47 9.55
N PRO A 97 -18.52 5.44 10.28
CA PRO A 97 -18.13 6.64 11.06
C PRO A 97 -17.72 7.84 10.20
N ALA A 98 -17.22 7.54 9.00
CA ALA A 98 -16.57 8.52 8.15
C ALA A 98 -16.22 7.76 6.87
N PRO A 99 -15.84 8.49 5.81
CA PRO A 99 -15.43 7.81 4.57
C PRO A 99 -14.40 6.72 4.87
N LEU A 100 -14.50 5.60 4.17
CA LEU A 100 -13.56 4.51 4.37
C LEU A 100 -12.13 4.98 4.16
N GLY A 101 -11.26 4.56 5.07
CA GLY A 101 -9.86 4.92 5.03
C GLY A 101 -9.53 6.26 5.69
N THR A 102 -10.52 7.03 6.14
CA THR A 102 -10.26 8.25 6.88
C THR A 102 -9.28 8.00 8.03
N PRO A 103 -8.35 8.94 8.29
CA PRO A 103 -7.51 8.78 9.47
C PRO A 103 -8.29 8.57 10.76
N ASP A 104 -7.79 7.69 11.62
CA ASP A 104 -8.47 7.37 12.89
C ASP A 104 -7.70 7.84 14.12
N PHE A 105 -6.89 8.88 13.96
CA PHE A 105 -6.20 9.46 15.09
C PHE A 105 -6.10 10.97 14.93
N VAL A 106 -5.95 11.65 16.06
CA VAL A 106 -5.73 13.08 16.08
C VAL A 106 -4.26 13.37 15.88
N GLY A 107 -3.98 14.11 14.84
CA GLY A 107 -2.63 14.49 14.51
C GLY A 107 -2.63 15.31 13.24
N LYS A 108 -1.44 15.77 12.88
CA LYS A 108 -1.22 16.60 11.73
C LYS A 108 -0.48 15.76 10.69
N ILE A 109 -1.22 15.36 9.64
CA ILE A 109 -0.72 14.44 8.63
C ILE A 109 -0.32 15.21 7.40
N GLN A 110 0.94 15.08 7.02
CA GLN A 110 1.52 15.80 5.88
C GLN A 110 1.70 14.87 4.72
N GLY A 111 1.50 15.44 3.54
CA GLY A 111 1.63 14.69 2.32
C GLY A 111 1.63 15.60 1.12
N LEU A 112 1.16 15.09 -0.01
CA LEU A 112 1.00 15.92 -1.21
C LEU A 112 -0.42 15.91 -1.65
N LEU A 113 -0.90 17.11 -2.00
CA LEU A 113 -2.18 17.32 -2.66
C LEU A 113 -1.89 17.46 -4.15
N THR A 114 -2.51 16.63 -4.97
CA THR A 114 -2.27 16.61 -6.42
C THR A 114 -3.59 16.77 -7.18
N GLN A 115 -3.52 17.28 -8.42
CA GLN A 115 -4.71 17.60 -9.16
C GLN A 115 -4.46 17.49 -10.63
N THR A 116 -5.46 17.02 -11.36
CA THR A 116 -5.42 17.00 -12.82
C THR A 116 -6.60 17.79 -13.37
N THR A 117 -6.33 18.64 -14.34
CA THR A 117 -7.37 19.33 -15.09
C THR A 117 -7.87 18.43 -16.21
N LYS A 118 -9.15 18.08 -16.17
CA LYS A 118 -9.69 17.12 -17.11
C LYS A 118 -9.50 17.54 -18.58
N GLY A 119 -9.74 18.80 -18.86
CA GLY A 119 -9.73 19.27 -20.23
C GLY A 119 -8.43 19.06 -21.02
N ASP A 120 -7.28 19.32 -20.40
CA ASP A 120 -6.00 19.27 -21.11
C ASP A 120 -4.97 18.35 -20.46
N GLY A 121 -5.31 17.77 -19.31
CA GLY A 121 -4.42 16.86 -18.61
C GLY A 121 -3.25 17.56 -17.94
N SER A 122 -3.37 18.86 -17.69
CA SER A 122 -2.36 19.57 -16.92
C SER A 122 -2.49 19.15 -15.48
N THR A 123 -1.37 19.18 -14.77
CA THR A 123 -1.33 18.67 -13.40
C THR A 123 -0.52 19.58 -12.48
N ARG A 124 -0.71 19.38 -11.18
CA ARG A 124 -0.07 20.22 -10.19
C ARG A 124 -0.07 19.49 -8.87
N GLY A 125 0.93 19.76 -8.04
CA GLY A 125 1.07 19.10 -6.76
C GLY A 125 1.76 19.99 -5.76
N HIS A 126 1.24 19.98 -4.52
CA HIS A 126 1.74 20.86 -3.46
C HIS A 126 1.76 20.15 -2.14
N LYS A 127 2.78 20.42 -1.33
CA LYS A 127 2.83 19.90 0.03
C LYS A 127 1.60 20.41 0.79
N ALA A 128 1.01 19.54 1.59
CA ALA A 128 -0.24 19.85 2.28
C ALA A 128 -0.35 19.08 3.59
N THR A 129 -1.05 19.65 4.56
CA THR A 129 -1.20 19.05 5.87
C THR A 129 -2.68 19.09 6.25
N VAL A 130 -3.17 17.97 6.79
CA VAL A 130 -4.51 17.91 7.37
C VAL A 130 -4.39 17.77 8.90
N TYR A 131 -5.13 18.65 9.59
CA TYR A 131 -5.13 18.73 11.05
C TYR A 131 -6.37 18.00 11.52
N THR A 132 -6.25 16.73 11.90
CA THR A 132 -7.44 15.93 12.11
C THR A 132 -8.10 16.23 13.45
N GLY A 133 -7.42 17.04 14.25
CA GLY A 133 -8.00 17.50 15.50
C GLY A 133 -8.69 18.85 15.39
N SER A 134 -8.70 19.43 14.19
CA SER A 134 -9.18 20.81 14.00
C SER A 134 -10.68 20.88 13.71
N ALA A 135 -11.29 22.04 13.95
CA ALA A 135 -12.72 22.20 13.75
C ALA A 135 -13.18 21.92 12.31
N PRO A 136 -12.38 22.32 11.29
CA PRO A 136 -12.76 22.03 9.91
C PRO A 136 -12.58 20.56 9.50
N PHE A 137 -12.08 19.71 10.40
CA PHE A 137 -11.98 18.28 10.05
C PHE A 137 -13.34 17.61 10.23
N THR A 138 -14.11 17.58 9.15
CA THR A 138 -15.47 17.06 9.21
C THR A 138 -15.72 16.06 8.07
N PRO A 139 -14.89 15.01 8.01
CA PRO A 139 -15.03 14.07 6.89
C PRO A 139 -16.38 13.38 6.80
N LYS A 140 -16.99 13.08 7.95
CA LYS A 140 -18.30 12.42 7.91
C LYS A 140 -19.33 13.34 7.24
N LEU A 141 -19.16 14.66 7.37
CA LEU A 141 -20.02 15.62 6.70
C LEU A 141 -19.63 15.86 5.24
N GLY A 142 -18.50 15.30 4.81
CA GLY A 142 -18.09 15.35 3.42
C GLY A 142 -17.11 16.48 3.13
N SER A 143 -16.46 16.96 4.18
CA SER A 143 -15.61 18.13 4.07
C SER A 143 -14.36 18.07 4.96
N VAL A 144 -13.17 18.28 4.40
CA VAL A 144 -11.97 18.50 5.23
C VAL A 144 -11.14 19.66 4.67
N GLN A 145 -10.29 20.21 5.52
CA GLN A 145 -9.45 21.34 5.15
C GLN A 145 -8.00 20.92 5.05
N PHE A 146 -7.29 21.44 4.04
CA PHE A 146 -5.85 21.23 3.90
C PHE A 146 -5.12 22.55 3.98
N SER A 147 -4.02 22.59 4.72
CA SER A 147 -3.13 23.74 4.66
C SER A 147 -2.03 23.42 3.67
N THR A 148 -1.81 24.31 2.72
CA THR A 148 -0.88 24.02 1.63
C THR A 148 0.17 25.09 1.51
N ASP A 149 0.96 25.00 0.45
CA ASP A 149 1.94 26.06 0.21
C ASP A 149 1.55 26.93 -0.99
N THR A 150 0.27 26.96 -1.36
CA THR A 150 -0.17 27.83 -2.45
C THR A 150 -1.45 28.55 -2.10
N GLU A 151 -1.64 29.75 -2.64
CA GLU A 151 -2.93 30.44 -2.49
C GLU A 151 -3.70 30.53 -3.81
N ASN A 152 -3.14 30.01 -4.90
CA ASN A 152 -3.85 30.12 -6.17
C ASN A 152 -3.64 29.03 -7.22
N ASP A 153 -2.79 28.06 -6.98
CA ASP A 153 -2.48 27.17 -8.10
C ASP A 153 -3.59 26.14 -8.31
N PHE A 154 -4.28 25.70 -7.25
CA PHE A 154 -5.31 24.69 -7.43
C PHE A 154 -6.55 25.27 -8.10
N GLU A 155 -7.11 24.48 -9.01
CA GLU A 155 -8.32 24.86 -9.72
C GLU A 155 -9.55 24.30 -9.03
N THR A 156 -10.68 24.96 -9.21
CA THR A 156 -11.96 24.43 -8.73
C THR A 156 -12.52 23.37 -9.67
N HIS A 157 -13.34 22.52 -9.09
CA HIS A 157 -14.12 21.52 -9.81
C HIS A 157 -13.29 20.59 -10.66
N GLN A 158 -12.11 20.23 -10.12
CA GLN A 158 -11.24 19.25 -10.76
C GLN A 158 -10.80 18.23 -9.72
N ASN A 159 -10.77 16.96 -10.13
CA ASN A 159 -10.32 15.89 -9.26
C ASN A 159 -8.97 16.14 -8.61
N THR A 160 -8.99 16.01 -7.29
CA THR A 160 -7.87 16.33 -6.42
C THR A 160 -7.67 15.19 -5.41
N LYS A 161 -6.42 14.79 -5.19
CA LYS A 161 -6.09 13.68 -4.28
C LYS A 161 -5.10 14.12 -3.24
N PHE A 162 -5.31 13.64 -2.01
CA PHE A 162 -4.29 13.75 -0.95
C PHE A 162 -3.67 12.39 -0.72
N THR A 163 -2.33 12.36 -0.85
CA THR A 163 -1.53 11.19 -0.55
C THR A 163 -0.72 11.44 0.71
N PRO A 164 -0.96 10.62 1.76
CA PRO A 164 -0.27 10.86 3.04
C PRO A 164 1.18 10.42 2.98
N VAL A 165 2.05 11.10 3.71
CA VAL A 165 3.45 10.64 3.85
C VAL A 165 3.86 10.43 5.30
N GLY A 166 3.53 11.37 6.16
CA GLY A 166 3.96 11.30 7.54
C GLY A 166 3.26 12.31 8.41
N VAL A 167 3.84 12.54 9.58
CA VAL A 167 3.22 13.38 10.59
C VAL A 167 4.15 14.51 11.06
N ILE A 168 3.55 15.56 11.59
CA ILE A 168 4.30 16.65 12.14
C ILE A 168 3.90 16.99 13.57
N GLN A 169 4.73 17.79 14.19
CA GLN A 169 4.49 18.25 15.55
C GLN A 169 4.96 19.69 15.63
N ASP A 170 4.34 20.47 16.53
CA ASP A 170 4.70 21.86 16.75
C ASP A 170 5.95 21.93 17.63
N GLY A 171 7.11 22.13 17.00
CA GLY A 171 8.38 22.10 17.70
C GLY A 171 8.60 23.13 18.80
N SER A 172 7.65 24.05 18.99
CA SER A 172 7.74 25.02 20.08
C SER A 172 7.02 24.53 21.33
N THR A 173 6.52 23.29 21.25
CA THR A 173 5.80 22.68 22.36
C THR A 173 6.41 21.32 22.75
N THR A 174 5.98 20.79 23.89
CA THR A 174 6.48 19.54 24.46
C THR A 174 6.66 18.45 23.42
N HIS A 175 7.87 17.91 23.35
CA HIS A 175 8.17 16.96 22.29
C HIS A 175 7.32 15.70 22.40
N ARG A 176 6.92 15.18 21.24
CA ARG A 176 6.16 13.95 21.13
C ARG A 176 4.79 14.01 21.77
N ASN A 177 4.27 15.22 21.86
CA ASN A 177 2.94 15.47 22.41
C ASN A 177 1.83 15.21 21.36
N GLU A 178 2.22 15.03 20.11
CA GLU A 178 1.31 14.67 19.04
C GLU A 178 2.12 13.96 17.98
N PRO A 179 1.48 13.20 17.09
CA PRO A 179 0.08 12.78 17.10
C PRO A 179 -0.31 12.03 18.35
N GLN A 180 -1.61 11.87 18.54
CA GLN A 180 -2.12 11.05 19.64
C GLN A 180 -2.87 9.86 19.02
N GLN A 181 -2.18 8.74 18.86
CA GLN A 181 -2.68 7.65 18.03
C GLN A 181 -3.92 6.98 18.58
N TRP A 182 -4.19 7.17 19.87
CA TRP A 182 -5.36 6.50 20.48
C TRP A 182 -6.52 7.48 20.73
N VAL A 183 -6.40 8.69 20.23
CA VAL A 183 -7.49 9.65 20.31
C VAL A 183 -8.16 9.75 18.96
N LEU A 184 -9.43 9.35 18.91
CA LEU A 184 -10.20 9.43 17.68
C LEU A 184 -10.53 10.88 17.36
N PRO A 185 -10.47 11.24 16.07
CA PRO A 185 -10.98 12.54 15.66
C PRO A 185 -12.48 12.60 15.90
N SER A 186 -13.04 13.81 15.87
CA SER A 186 -14.48 13.99 15.84
C SER A 186 -14.85 14.13 14.38
N TYR A 187 -15.35 13.05 13.79
CA TYR A 187 -15.51 12.96 12.34
C TYR A 187 -16.52 13.97 11.78
N SER A 188 -17.46 14.43 12.64
CA SER A 188 -18.44 15.43 12.25
C SER A 188 -18.17 16.79 12.89
N GLY A 189 -16.97 16.94 13.44
CA GLY A 189 -16.52 18.17 14.08
C GLY A 189 -16.72 18.28 15.61
N ARG A 190 -16.40 19.45 16.15
CA ARG A 190 -16.29 19.63 17.61
C ARG A 190 -17.60 19.31 18.33
N ASN A 191 -17.50 18.44 19.35
CA ASN A 191 -18.61 18.11 20.24
C ASN A 191 -19.75 17.32 19.60
N VAL A 192 -19.52 16.80 18.40
CA VAL A 192 -20.50 15.96 17.75
C VAL A 192 -20.05 14.54 17.93
N HIS A 193 -20.93 13.70 18.48
CA HIS A 193 -20.56 12.34 18.76
C HIS A 193 -20.36 11.55 17.48
N ASN A 194 -19.37 10.67 17.49
CA ASN A 194 -19.12 9.77 16.39
C ASN A 194 -20.17 8.68 16.37
N VAL A 195 -20.34 8.06 15.20
CA VAL A 195 -21.35 7.02 14.98
C VAL A 195 -20.76 5.75 14.35
N HIS A 196 -21.43 4.62 14.57
CA HIS A 196 -21.13 3.37 13.88
C HIS A 196 -19.69 2.92 14.10
N LEU A 197 -19.15 3.25 15.26
CA LEU A 197 -17.75 2.91 15.54
C LEU A 197 -17.57 1.42 15.77
N ALA A 198 -16.43 0.90 15.31
CA ALA A 198 -15.92 -0.36 15.79
C ALA A 198 -15.69 -0.18 17.29
N PRO A 199 -15.98 -1.20 18.10
CA PRO A 199 -15.88 -1.03 19.55
C PRO A 199 -14.45 -0.90 20.09
N ALA A 200 -14.34 -0.30 21.27
CA ALA A 200 -13.05 -0.27 21.95
C ALA A 200 -12.68 -1.69 22.34
N VAL A 201 -11.38 -1.98 22.37
CA VAL A 201 -10.91 -3.31 22.77
C VAL A 201 -10.02 -3.23 23.98
N ALA A 202 -10.09 -4.27 24.78
CA ALA A 202 -9.30 -4.34 25.98
C ALA A 202 -9.05 -5.80 26.25
N PRO A 203 -7.91 -6.12 26.86
CA PRO A 203 -7.75 -7.52 27.22
C PRO A 203 -8.68 -7.79 28.39
N THR A 204 -9.65 -8.67 28.23
CA THR A 204 -10.65 -8.86 29.29
C THR A 204 -10.28 -9.99 30.22
N PHE A 205 -9.39 -10.85 29.76
CA PHE A 205 -8.94 -12.01 30.53
C PHE A 205 -7.82 -11.61 31.49
N PRO A 206 -7.96 -11.89 32.80
CA PRO A 206 -6.90 -11.52 33.76
C PRO A 206 -5.52 -12.05 33.38
N GLY A 207 -4.53 -11.15 33.43
CA GLY A 207 -3.13 -11.44 33.10
C GLY A 207 -2.72 -11.19 31.64
N GLU A 208 -3.67 -10.77 30.82
CA GLU A 208 -3.40 -10.58 29.39
C GLU A 208 -3.22 -9.12 29.01
N GLN A 209 -2.50 -8.92 27.90
CA GLN A 209 -2.30 -7.62 27.29
C GLN A 209 -2.58 -7.72 25.82
N LEU A 210 -2.92 -6.60 25.22
CA LEU A 210 -3.01 -6.52 23.77
C LEU A 210 -1.64 -6.73 23.13
N LEU A 211 -1.66 -7.38 21.98
CA LEU A 211 -0.49 -7.48 21.13
C LEU A 211 -0.72 -6.56 19.93
N PHE A 212 0.20 -5.63 19.72
CA PHE A 212 0.12 -4.63 18.67
C PHE A 212 1.10 -4.93 17.54
N PHE A 213 0.67 -4.64 16.32
CA PHE A 213 1.49 -4.69 15.14
C PHE A 213 1.96 -3.26 14.87
N ARG A 214 3.25 -3.01 15.06
CA ARG A 214 3.77 -1.66 15.17
C ARG A 214 4.63 -1.22 13.99
N SER A 215 4.47 0.05 13.59
CA SER A 215 5.33 0.73 12.64
C SER A 215 5.75 2.08 13.21
N THR A 216 6.68 2.72 12.52
CA THR A 216 7.12 4.06 12.82
C THR A 216 6.76 4.96 11.64
N MET A 217 5.85 5.91 11.85
CA MET A 217 5.47 6.83 10.79
C MET A 217 6.61 7.81 10.46
N PRO A 218 6.78 8.14 9.17
CA PRO A 218 7.71 9.22 8.87
C PRO A 218 7.32 10.51 9.56
N GLY A 219 8.33 11.26 10.02
CA GLY A 219 8.14 12.60 10.56
C GLY A 219 8.55 13.64 9.54
N CYS A 220 7.77 14.71 9.43
CA CYS A 220 7.98 15.73 8.41
C CYS A 220 8.28 17.13 8.96
N SER A 221 8.21 17.30 10.28
CA SER A 221 8.49 18.59 10.92
C SER A 221 8.30 18.45 12.42
N GLY A 222 9.15 19.14 13.20
CA GLY A 222 9.01 19.13 14.65
C GLY A 222 9.45 17.82 15.27
N TYR A 223 8.87 17.50 16.43
CA TYR A 223 9.27 16.36 17.24
C TYR A 223 8.06 15.44 17.46
N PRO A 224 7.60 14.79 16.39
CA PRO A 224 6.38 14.01 16.56
C PRO A 224 6.56 12.68 17.26
N ASN A 225 5.48 12.17 17.86
CA ASN A 225 5.38 10.78 18.26
C ASN A 225 5.03 9.95 17.03
N MET A 226 5.99 9.17 16.60
CA MET A 226 5.85 8.45 15.32
C MET A 226 5.40 6.99 15.48
N ASP A 227 5.18 6.53 16.71
CA ASP A 227 4.69 5.18 16.95
C ASP A 227 3.28 4.99 16.41
N LEU A 228 3.05 3.88 15.73
CA LEU A 228 1.72 3.57 15.24
C LEU A 228 1.43 2.08 15.36
N ASP A 229 0.45 1.77 16.19
CA ASP A 229 0.05 0.40 16.49
C ASP A 229 -1.27 0.03 15.84
N CYS A 230 -1.33 -1.10 15.16
CA CYS A 230 -2.59 -1.57 14.61
C CYS A 230 -2.93 -2.92 15.21
N LEU A 231 -4.21 -3.28 15.16
CA LEU A 231 -4.66 -4.51 15.79
C LEU A 231 -4.54 -5.74 14.89
N LEU A 232 -4.51 -5.49 13.58
CA LEU A 232 -4.45 -6.52 12.54
C LEU A 232 -3.64 -5.98 11.37
N PRO A 233 -2.69 -6.77 10.83
CA PRO A 233 -2.08 -6.36 9.57
C PRO A 233 -3.08 -6.18 8.47
N GLN A 234 -2.82 -5.28 7.52
CA GLN A 234 -3.77 -5.13 6.41
C GLN A 234 -3.95 -6.44 5.64
N GLU A 235 -2.89 -7.21 5.51
CA GLU A 235 -3.02 -8.48 4.81
C GLU A 235 -3.92 -9.49 5.52
N TRP A 236 -4.00 -9.38 6.85
CA TRP A 236 -4.93 -10.24 7.58
C TRP A 236 -6.37 -9.79 7.32
N VAL A 237 -6.59 -8.46 7.27
CA VAL A 237 -7.91 -7.96 6.91
C VAL A 237 -8.34 -8.51 5.55
N GLN A 238 -7.44 -8.42 4.55
CA GLN A 238 -7.78 -8.89 3.21
C GLN A 238 -8.05 -10.39 3.21
N HIS A 239 -7.29 -11.11 4.02
CA HIS A 239 -7.38 -12.54 4.11
C HIS A 239 -8.72 -12.98 4.71
N PHE A 240 -9.09 -12.40 5.85
CA PHE A 240 -10.35 -12.75 6.48
C PHE A 240 -11.54 -12.37 5.60
N TYR A 241 -11.47 -11.22 4.95
CA TYR A 241 -12.53 -10.76 4.06
C TYR A 241 -12.80 -11.76 2.95
N GLN A 242 -11.74 -12.31 2.39
CA GLN A 242 -11.92 -13.31 1.34
C GLN A 242 -12.36 -14.68 1.83
N GLU A 243 -11.70 -15.16 2.88
CA GLU A 243 -11.94 -16.50 3.39
C GLU A 243 -13.31 -16.62 4.02
N ALA A 244 -13.68 -15.63 4.83
CA ALA A 244 -14.99 -15.61 5.47
C ALA A 244 -15.28 -16.93 6.19
N ALA A 245 -14.26 -17.43 6.88
CA ALA A 245 -14.39 -18.68 7.63
C ALA A 245 -15.10 -18.40 8.97
N PRO A 246 -16.19 -19.11 9.26
CA PRO A 246 -16.96 -18.78 10.47
C PRO A 246 -16.20 -19.07 11.77
N ALA A 247 -16.30 -18.17 12.76
CA ALA A 247 -15.64 -18.41 14.04
C ALA A 247 -16.35 -19.51 14.83
N GLN A 248 -15.61 -20.51 15.28
CA GLN A 248 -16.21 -21.65 15.97
C GLN A 248 -16.23 -21.45 17.48
N SER A 249 -15.55 -20.39 17.93
CA SER A 249 -15.66 -19.94 19.32
C SER A 249 -15.31 -18.44 19.33
N ASP A 250 -15.27 -17.84 20.52
CA ASP A 250 -14.95 -16.43 20.67
C ASP A 250 -13.45 -16.19 20.46
N VAL A 251 -12.63 -17.25 20.53
CA VAL A 251 -11.17 -17.10 20.57
C VAL A 251 -10.42 -18.13 19.72
N ALA A 252 -9.56 -17.66 18.81
CA ALA A 252 -8.67 -18.51 18.00
C ALA A 252 -7.26 -18.57 18.58
N LEU A 253 -6.80 -19.75 18.91
CA LEU A 253 -5.44 -19.89 19.44
C LEU A 253 -4.45 -19.89 18.29
N LEU A 254 -3.57 -18.91 18.29
CA LEU A 254 -2.48 -18.84 17.31
C LEU A 254 -1.16 -19.18 17.97
N ARG A 255 -0.30 -19.86 17.22
CA ARG A 255 1.06 -20.11 17.64
C ARG A 255 2.01 -19.38 16.71
N PHE A 256 3.01 -18.72 17.29
CA PHE A 256 4.01 -18.02 16.49
C PHE A 256 5.19 -18.97 16.37
N VAL A 257 5.44 -19.39 15.15
CA VAL A 257 6.33 -20.50 14.86
C VAL A 257 7.54 -20.03 14.11
N ASN A 258 8.68 -20.62 14.41
CA ASN A 258 9.89 -20.36 13.65
C ASN A 258 10.07 -21.51 12.64
N PRO A 259 9.86 -21.23 11.34
CA PRO A 259 9.91 -22.29 10.34
C PRO A 259 11.30 -22.88 10.18
N ASP A 260 12.30 -22.14 10.64
CA ASP A 260 13.68 -22.59 10.55
C ASP A 260 13.89 -23.81 11.43
N THR A 261 13.05 -23.96 12.44
CA THR A 261 13.17 -25.04 13.43
C THR A 261 11.89 -25.85 13.61
N GLY A 262 10.77 -25.26 13.21
CA GLY A 262 9.46 -25.86 13.42
C GLY A 262 8.96 -25.66 14.85
N ARG A 263 9.69 -24.89 15.65
CA ARG A 263 9.36 -24.70 17.06
CA ARG A 263 9.39 -24.67 17.07
C ARG A 263 8.53 -23.44 17.33
N VAL A 264 7.59 -23.57 18.26
CA VAL A 264 6.75 -22.45 18.70
C VAL A 264 7.49 -21.50 19.65
N LEU A 265 7.43 -20.20 19.37
CA LEU A 265 8.04 -19.18 20.23
C LEU A 265 7.08 -18.68 21.31
N PHE A 266 5.84 -18.41 20.93
CA PHE A 266 4.81 -18.04 21.89
C PHE A 266 3.45 -18.33 21.31
N GLU A 267 2.42 -18.29 22.14
CA GLU A 267 1.06 -18.41 21.65
C GLU A 267 0.25 -17.20 22.05
N CYS A 268 -0.83 -16.95 21.34
CA CYS A 268 -1.65 -15.78 21.56
C CYS A 268 -3.08 -16.08 21.17
N LYS A 269 -3.99 -15.21 21.61
CA LYS A 269 -5.40 -15.34 21.31
C LYS A 269 -5.78 -14.35 20.23
N LEU A 270 -6.31 -14.85 19.13
CA LEU A 270 -6.96 -13.98 18.17
C LEU A 270 -8.46 -14.01 18.43
N HIS A 271 -8.97 -12.92 18.99
CA HIS A 271 -10.38 -12.80 19.32
C HIS A 271 -11.19 -12.61 18.06
N LYS A 272 -12.37 -13.22 18.02
CA LYS A 272 -13.12 -13.28 16.76
C LYS A 272 -13.52 -11.89 16.29
N SER A 273 -13.61 -10.92 17.20
CA SER A 273 -13.94 -9.56 16.80
C SER A 273 -12.73 -8.79 16.23
N GLY A 274 -11.56 -9.44 16.21
CA GLY A 274 -10.43 -8.95 15.42
C GLY A 274 -9.36 -8.20 16.20
N TYR A 275 -8.82 -8.84 17.23
CA TYR A 275 -7.66 -8.30 17.95
C TYR A 275 -6.96 -9.45 18.64
N VAL A 276 -5.72 -9.22 19.03
CA VAL A 276 -4.85 -10.25 19.59
C VAL A 276 -4.42 -9.91 21.03
N THR A 277 -4.42 -10.91 21.91
CA THR A 277 -3.86 -10.76 23.25
C THR A 277 -2.78 -11.81 23.53
N VAL A 278 -1.92 -11.46 24.50
CA VAL A 278 -0.85 -12.34 24.96
C VAL A 278 -0.84 -12.31 26.48
N ALA A 279 -0.28 -13.36 27.06
CA ALA A 279 -0.09 -13.44 28.50
C ALA A 279 1.24 -12.81 28.88
N HIS A 280 1.20 -11.55 29.27
CA HIS A 280 2.40 -10.82 29.61
C HIS A 280 2.04 -9.61 30.43
N THR A 281 2.94 -9.20 31.32
CA THR A 281 2.72 -8.00 32.11
C THR A 281 3.91 -7.06 31.89
N GLY A 282 3.63 -5.88 31.35
CA GLY A 282 4.64 -4.86 31.15
C GLY A 282 4.82 -4.49 29.68
N GLN A 283 5.51 -3.39 29.44
CA GLN A 283 5.82 -2.97 28.07
C GLN A 283 6.96 -3.82 27.56
N HIS A 284 6.82 -4.30 26.33
CA HIS A 284 7.83 -5.18 25.77
C HIS A 284 7.81 -5.16 24.27
N ASP A 285 8.97 -4.85 23.68
CA ASP A 285 9.24 -5.02 22.26
C ASP A 285 9.58 -6.50 22.02
N LEU A 286 8.75 -7.22 21.28
CA LEU A 286 9.03 -8.63 21.08
C LEU A 286 10.23 -8.79 20.18
N VAL A 287 11.06 -9.75 20.53
CA VAL A 287 12.21 -10.09 19.71
C VAL A 287 11.87 -11.39 18.99
N ILE A 288 11.79 -11.32 17.66
CA ILE A 288 11.33 -12.44 16.88
C ILE A 288 12.31 -12.75 15.75
N PRO A 289 12.36 -14.01 15.34
CA PRO A 289 13.18 -14.32 14.18
C PRO A 289 12.53 -13.79 12.89
N PRO A 290 13.35 -13.36 11.92
CA PRO A 290 12.79 -12.73 10.71
C PRO A 290 11.83 -13.62 9.93
N ASN A 291 11.95 -14.95 10.00
CA ASN A 291 11.06 -15.84 9.23
C ASN A 291 9.90 -16.37 10.04
N GLY A 292 9.78 -15.90 11.28
CA GLY A 292 8.67 -16.32 12.12
C GLY A 292 7.33 -15.90 11.55
N TYR A 293 6.29 -16.71 11.78
CA TYR A 293 4.94 -16.36 11.33
C TYR A 293 3.89 -16.96 12.27
N PHE A 294 2.67 -16.44 12.18
CA PHE A 294 1.54 -16.93 12.98
C PHE A 294 0.82 -18.08 12.29
N ARG A 295 0.37 -19.03 13.09
CA ARG A 295 -0.30 -20.23 12.61
C ARG A 295 -1.52 -20.53 13.50
N PHE A 296 -2.70 -20.61 12.88
CA PHE A 296 -3.89 -21.01 13.61
C PHE A 296 -3.83 -22.46 13.98
N ASP A 297 -4.02 -22.76 15.26
CA ASP A 297 -3.98 -24.15 15.72
C ASP A 297 -5.31 -24.71 16.21
N SER A 298 -6.08 -23.96 16.97
CA SER A 298 -7.39 -24.46 17.40
C SER A 298 -8.28 -23.36 17.95
N TRP A 299 -9.58 -23.67 18.03
CA TRP A 299 -10.54 -22.80 18.66
C TRP A 299 -10.52 -23.08 20.14
N VAL A 300 -10.41 -22.03 20.94
CA VAL A 300 -10.42 -22.17 22.39
C VAL A 300 -11.52 -21.27 22.94
N ASN A 301 -11.63 -21.25 24.26
CA ASN A 301 -12.65 -20.44 24.91
C ASN A 301 -12.13 -19.20 25.62
N GLN A 302 -13.09 -18.44 26.13
CA GLN A 302 -12.78 -17.28 26.94
C GLN A 302 -12.00 -17.73 28.18
N PHE A 303 -12.10 -19.01 28.57
CA PHE A 303 -11.45 -19.45 29.81
C PHE A 303 -10.09 -20.12 29.58
N TYR A 304 -9.60 -20.09 28.35
CA TYR A 304 -8.27 -20.66 28.08
C TYR A 304 -7.13 -19.81 28.60
N THR A 305 -6.22 -20.45 29.33
CA THR A 305 -5.02 -19.79 29.86
C THR A 305 -3.84 -19.97 28.92
N LEU A 306 -3.33 -18.86 28.42
CA LEU A 306 -2.18 -18.87 27.52
C LEU A 306 -0.90 -19.16 28.27
N ALA A 307 0.01 -19.89 27.63
CA ALA A 307 1.35 -20.00 28.14
C ALA A 307 1.97 -18.62 28.18
N PRO A 308 2.69 -18.29 29.27
CA PRO A 308 3.28 -16.95 29.32
C PRO A 308 4.15 -16.67 28.10
N MET A 309 3.98 -15.48 27.55
CA MET A 309 4.73 -15.05 26.38
C MET A 309 6.21 -15.13 26.67
N THR B 1 -3.55 -37.64 -7.99
CA THR B 1 -2.73 -36.42 -8.01
C THR B 1 -2.44 -35.87 -6.61
N GLY B 2 -3.36 -35.07 -6.07
CA GLY B 2 -3.17 -34.51 -4.74
C GLY B 2 -2.28 -33.28 -4.69
N SER B 3 -1.98 -32.70 -5.85
CA SER B 3 -1.21 -31.45 -5.88
C SER B 3 -2.04 -30.36 -5.24
N LYS B 4 -1.36 -29.41 -4.59
CA LYS B 4 -2.07 -28.31 -3.98
C LYS B 4 -2.87 -27.55 -5.02
N PRO B 5 -4.19 -27.47 -4.82
CA PRO B 5 -5.06 -26.80 -5.79
C PRO B 5 -4.69 -25.32 -5.93
N PHE B 6 -4.58 -24.90 -7.16
CA PHE B 6 -4.27 -23.53 -7.49
C PHE B 6 -5.54 -22.66 -7.39
N THR B 7 -5.34 -21.45 -6.89
CA THR B 7 -6.40 -20.45 -6.82
C THR B 7 -5.87 -19.06 -7.11
N VAL B 8 -6.78 -18.16 -7.47
CA VAL B 8 -6.47 -16.73 -7.47
C VAL B 8 -7.37 -16.06 -6.43
N PRO B 9 -6.98 -14.86 -5.94
CA PRO B 9 -7.82 -14.15 -4.97
C PRO B 9 -9.20 -13.84 -5.52
N ILE B 10 -10.18 -13.71 -4.64
CA ILE B 10 -11.53 -13.31 -5.04
C ILE B 10 -11.75 -11.81 -4.86
N LEU B 11 -10.70 -11.08 -4.54
CA LEU B 11 -10.81 -9.63 -4.48
C LEU B 11 -11.17 -9.11 -5.85
N THR B 12 -12.02 -8.08 -5.89
CA THR B 12 -12.37 -7.43 -7.14
C THR B 12 -11.23 -6.50 -7.59
N VAL B 13 -11.27 -6.09 -8.86
CA VAL B 13 -10.22 -5.25 -9.40
C VAL B 13 -10.02 -3.99 -8.56
N GLU B 14 -11.10 -3.32 -8.18
CA GLU B 14 -10.97 -2.07 -7.43
C GLU B 14 -10.56 -2.26 -5.95
N GLU B 15 -10.55 -3.50 -5.49
CA GLU B 15 -10.10 -3.86 -4.14
C GLU B 15 -8.61 -4.19 -4.12
N MET B 16 -7.96 -4.17 -5.28
CA MET B 16 -6.54 -4.53 -5.40
C MET B 16 -5.64 -3.34 -5.79
N THR B 17 -4.33 -3.62 -5.72
CA THR B 17 -3.28 -2.62 -5.77
C THR B 17 -2.38 -2.85 -6.98
N ASN B 18 -1.97 -1.77 -7.64
CA ASN B 18 -0.99 -1.87 -8.73
C ASN B 18 0.33 -2.36 -8.15
N SER B 19 0.99 -3.26 -8.88
CA SER B 19 2.26 -3.81 -8.43
C SER B 19 3.47 -3.00 -8.88
N ARG B 20 3.24 -1.91 -9.62
CA ARG B 20 4.36 -1.10 -10.14
C ARG B 20 4.41 0.29 -9.53
N PHE B 21 3.42 0.65 -8.70
CA PHE B 21 3.37 1.96 -8.05
C PHE B 21 2.31 1.83 -6.98
N PRO B 22 2.48 2.48 -5.82
CA PRO B 22 1.55 2.26 -4.69
C PRO B 22 0.19 3.00 -4.81
N ILE B 23 -0.62 2.54 -5.76
CA ILE B 23 -1.93 3.14 -6.00
C ILE B 23 -2.92 2.02 -6.33
N PRO B 24 -4.21 2.27 -6.11
CA PRO B 24 -5.20 1.25 -6.42
C PRO B 24 -5.32 0.95 -7.89
N LEU B 25 -5.69 -0.26 -8.21
CA LEU B 25 -6.13 -0.57 -9.55
C LEU B 25 -7.46 0.14 -9.82
N GLU B 26 -7.65 0.51 -11.08
CA GLU B 26 -8.87 1.17 -11.52
C GLU B 26 -9.67 0.37 -12.52
N LYS B 27 -8.99 -0.33 -13.41
CA LYS B 27 -9.68 -0.96 -14.51
C LYS B 27 -8.80 -2.03 -15.18
N LEU B 28 -9.43 -2.83 -16.02
CA LEU B 28 -8.76 -3.78 -16.89
C LEU B 28 -8.68 -3.18 -18.28
N PHE B 29 -7.54 -3.37 -18.94
CA PHE B 29 -7.29 -2.82 -20.25
C PHE B 29 -6.58 -3.85 -21.10
N THR B 30 -6.97 -3.97 -22.35
CA THR B 30 -6.18 -4.75 -23.28
C THR B 30 -5.87 -3.90 -24.49
N GLY B 31 -4.68 -4.14 -25.06
CA GLY B 31 -4.31 -3.49 -26.30
C GLY B 31 -3.16 -4.26 -26.93
N PRO B 32 -2.89 -3.98 -28.21
CA PRO B 32 -1.75 -4.62 -28.86
C PRO B 32 -0.41 -4.20 -28.31
N SER B 33 0.55 -5.12 -28.26
CA SER B 33 1.88 -4.78 -27.74
C SER B 33 2.96 -5.47 -28.54
N GLY B 34 2.63 -5.93 -29.74
CA GLY B 34 3.64 -6.59 -30.56
C GLY B 34 4.75 -5.66 -31.00
N ALA B 35 4.46 -4.37 -31.07
CA ALA B 35 5.40 -3.43 -31.64
C ALA B 35 6.44 -2.96 -30.65
N PHE B 36 6.32 -3.36 -29.39
CA PHE B 36 7.28 -2.93 -28.39
C PHE B 36 7.52 -3.98 -27.34
N VAL B 37 8.57 -3.76 -26.54
CA VAL B 37 8.94 -4.70 -25.51
C VAL B 37 8.22 -4.40 -24.17
N VAL B 38 7.49 -5.41 -23.70
CA VAL B 38 6.81 -5.36 -22.40
C VAL B 38 7.65 -6.16 -21.41
N GLN B 39 8.45 -5.47 -20.61
CA GLN B 39 9.39 -6.11 -19.70
C GLN B 39 9.44 -5.43 -18.33
N PRO B 40 8.25 -5.18 -17.73
CA PRO B 40 8.30 -4.63 -16.38
C PRO B 40 9.01 -5.56 -15.41
N GLN B 41 9.58 -4.99 -14.34
CA GLN B 41 10.35 -5.74 -13.36
C GLN B 41 9.68 -5.86 -12.00
N ASN B 42 8.73 -4.96 -11.73
CA ASN B 42 7.84 -5.09 -10.60
C ASN B 42 6.54 -5.75 -11.04
N GLY B 43 5.86 -6.38 -10.10
CA GLY B 43 4.70 -7.17 -10.40
C GLY B 43 4.97 -8.41 -11.26
N ARG B 44 6.08 -9.07 -10.98
CA ARG B 44 6.52 -10.26 -11.71
C ARG B 44 6.68 -11.43 -10.74
N CYS B 45 5.92 -12.47 -10.99
CA CYS B 45 5.83 -13.60 -10.08
C CYS B 45 5.24 -14.78 -10.84
N THR B 46 5.81 -15.95 -10.65
CA THR B 46 5.22 -17.16 -11.23
C THR B 46 3.97 -17.56 -10.44
N THR B 47 3.12 -18.37 -11.06
CA THR B 47 1.92 -18.81 -10.37
C THR B 47 2.23 -19.71 -9.18
N ASP B 48 3.43 -20.33 -9.17
CA ASP B 48 3.80 -21.12 -7.99
C ASP B 48 4.65 -20.32 -7.00
N GLY B 49 4.64 -18.99 -7.13
CA GLY B 49 5.10 -18.13 -6.07
C GLY B 49 6.58 -17.74 -6.06
N VAL B 50 7.22 -17.81 -7.22
CA VAL B 50 8.62 -17.37 -7.34
C VAL B 50 8.65 -15.91 -7.82
N LEU B 51 9.11 -15.00 -6.98
CA LEU B 51 9.26 -13.62 -7.35
C LEU B 51 10.35 -13.45 -8.39
N LEU B 52 10.10 -12.57 -9.35
CA LEU B 52 11.02 -12.31 -10.46
C LEU B 52 11.43 -10.84 -10.52
N GLY B 53 12.51 -10.54 -11.25
CA GLY B 53 12.88 -9.18 -11.48
C GLY B 53 13.24 -8.46 -10.20
N THR B 54 12.64 -7.29 -9.99
CA THR B 54 12.83 -6.52 -8.77
C THR B 54 11.60 -6.64 -7.86
N THR B 55 10.81 -7.68 -8.06
CA THR B 55 9.53 -7.79 -7.33
C THR B 55 9.75 -8.21 -5.87
N GLN B 56 9.04 -7.50 -4.98
CA GLN B 56 9.00 -7.81 -3.57
C GLN B 56 7.53 -7.77 -3.13
N LEU B 57 7.27 -8.05 -1.86
CA LEU B 57 5.92 -8.40 -1.42
C LEU B 57 5.09 -7.22 -0.94
N SER B 58 5.72 -6.11 -0.60
CA SER B 58 4.99 -4.98 -0.02
C SER B 58 4.37 -4.08 -1.05
N PRO B 59 3.07 -3.77 -0.92
CA PRO B 59 2.42 -2.78 -1.76
C PRO B 59 2.92 -1.36 -1.53
N VAL B 60 3.50 -1.09 -0.38
CA VAL B 60 3.94 0.26 0.02
C VAL B 60 5.49 0.40 0.07
N ASN B 61 6.20 -0.55 -0.49
CA ASN B 61 7.66 -0.40 -0.66
C ASN B 61 8.07 -0.33 -2.13
N ILE B 62 7.13 0.03 -2.97
CA ILE B 62 7.34 0.14 -4.41
C ILE B 62 7.66 1.58 -4.75
N CYS B 63 8.79 1.80 -5.41
CA CYS B 63 9.27 3.13 -5.77
C CYS B 63 9.64 4.01 -4.56
N THR B 64 9.89 3.37 -3.44
CA THR B 64 10.45 4.01 -2.25
C THR B 64 11.96 3.87 -2.26
N PHE B 65 12.63 4.75 -1.54
CA PHE B 65 14.08 4.66 -1.31
C PHE B 65 14.37 4.99 0.15
N ARG B 66 15.42 4.39 0.71
CA ARG B 66 15.87 4.84 2.02
C ARG B 66 17.37 4.76 2.11
N GLY B 67 17.93 5.60 2.95
CA GLY B 67 19.36 5.65 3.17
C GLY B 67 19.77 6.93 3.85
N ASP B 68 20.97 7.43 3.54
CA ASP B 68 21.39 8.69 4.10
C ASP B 68 21.75 9.57 2.92
N VAL B 69 21.75 10.89 3.12
CA VAL B 69 21.89 11.82 2.02
C VAL B 69 23.05 12.77 2.22
N THR B 70 23.59 13.20 1.11
CA THR B 70 24.68 14.15 1.04
C THR B 70 24.30 15.25 0.10
N HIS B 71 24.54 16.50 0.51
CA HIS B 71 24.18 17.65 -0.28
C HIS B 71 25.18 17.90 -1.38
N ILE B 72 24.67 18.17 -2.57
CA ILE B 72 25.52 18.58 -3.68
C ILE B 72 25.66 20.09 -3.68
N ALA B 73 26.89 20.57 -3.47
CA ALA B 73 27.15 21.99 -3.31
C ALA B 73 26.70 22.79 -4.52
N GLY B 74 26.10 23.95 -4.25
CA GLY B 74 25.68 24.85 -5.31
C GLY B 74 24.39 24.43 -5.99
N SER B 75 23.62 23.54 -5.34
CA SER B 75 22.39 23.02 -5.90
C SER B 75 21.39 22.74 -4.78
N ARG B 76 20.19 22.34 -5.19
CA ARG B 76 19.20 21.80 -4.25
C ARG B 76 19.10 20.29 -4.39
N ASN B 77 20.16 19.68 -4.89
CA ASN B 77 20.17 18.24 -5.13
C ASN B 77 20.88 17.50 -4.01
N TYR B 78 20.40 16.30 -3.72
CA TYR B 78 20.98 15.42 -2.72
C TYR B 78 21.24 14.04 -3.32
N THR B 79 22.40 13.46 -2.98
CA THR B 79 22.69 12.08 -3.29
C THR B 79 22.27 11.21 -2.15
N MET B 80 21.50 10.17 -2.44
CA MET B 80 21.14 9.19 -1.42
C MET B 80 22.01 7.94 -1.59
N ASN B 81 22.70 7.61 -0.52
CA ASN B 81 23.40 6.34 -0.41
C ASN B 81 22.38 5.32 0.11
N LEU B 82 22.00 4.39 -0.75
CA LEU B 82 20.89 3.49 -0.44
C LEU B 82 21.23 2.48 0.64
N ALA B 83 20.24 2.25 1.50
CA ALA B 83 20.27 1.18 2.47
C ALA B 83 19.16 0.20 2.14
N SER B 84 19.18 -0.94 2.84
CA SER B 84 18.11 -1.93 2.80
C SER B 84 16.96 -1.50 3.72
N LEU B 85 15.90 -2.30 3.76
CA LEU B 85 14.76 -2.03 4.64
C LEU B 85 15.12 -1.90 6.10
N ASN B 86 16.07 -2.70 6.59
CA ASN B 86 16.44 -2.61 7.98
C ASN B 86 17.70 -1.77 8.14
N TRP B 87 17.88 -0.86 7.17
CA TRP B 87 18.86 0.23 7.24
C TRP B 87 20.32 -0.18 7.14
N ASN B 88 20.61 -1.38 6.65
CA ASN B 88 22.01 -1.72 6.33
C ASN B 88 22.36 -1.36 4.89
N ASN B 89 23.64 -1.35 4.55
CA ASN B 89 24.07 -1.06 3.17
C ASN B 89 23.47 -2.04 2.16
N TYR B 90 23.07 -1.53 0.98
CA TYR B 90 22.61 -2.38 -0.12
C TYR B 90 23.81 -3.17 -0.62
N ASP B 91 23.58 -4.42 -1.03
CA ASP B 91 24.64 -5.27 -1.54
C ASP B 91 24.50 -5.41 -3.05
N PRO B 92 25.35 -4.71 -3.82
CA PRO B 92 25.19 -4.73 -5.28
C PRO B 92 25.51 -6.06 -5.92
N THR B 93 26.10 -7.01 -5.18
CA THR B 93 26.49 -8.27 -5.81
C THR B 93 25.36 -9.27 -5.85
N GLU B 94 24.22 -8.98 -5.22
CA GLU B 94 23.10 -9.91 -5.33
C GLU B 94 22.63 -9.96 -6.78
N GLU B 95 22.25 -11.14 -7.25
CA GLU B 95 21.88 -11.31 -8.66
C GLU B 95 20.43 -10.92 -8.93
N ILE B 96 20.20 -9.63 -8.80
CA ILE B 96 18.94 -8.97 -9.12
C ILE B 96 19.28 -7.73 -9.95
N PRO B 97 18.30 -7.17 -10.66
CA PRO B 97 18.63 -6.03 -11.51
C PRO B 97 18.99 -4.78 -10.74
N ALA B 98 18.43 -4.66 -9.54
CA ALA B 98 18.41 -3.46 -8.76
C ALA B 98 17.75 -3.82 -7.44
N PRO B 99 17.86 -2.95 -6.43
CA PRO B 99 17.13 -3.26 -5.20
C PRO B 99 15.65 -3.57 -5.46
N LEU B 100 15.09 -4.50 -4.71
CA LEU B 100 13.70 -4.85 -4.92
C LEU B 100 12.82 -3.62 -4.68
N GLY B 101 11.86 -3.45 -5.59
CA GLY B 101 10.94 -2.31 -5.57
C GLY B 101 11.42 -1.05 -6.29
N THR B 102 12.65 -1.07 -6.79
CA THR B 102 13.16 0.03 -7.61
C THR B 102 12.18 0.33 -8.73
N PRO B 103 11.96 1.62 -9.07
CA PRO B 103 11.12 1.90 -10.22
C PRO B 103 11.56 1.17 -11.50
N ASP B 104 10.58 0.69 -12.28
CA ASP B 104 10.88 -0.02 -13.52
C ASP B 104 10.44 0.71 -14.76
N PHE B 105 10.40 2.03 -14.68
CA PHE B 105 10.12 2.85 -15.82
C PHE B 105 10.95 4.12 -15.77
N VAL B 106 11.14 4.72 -16.94
CA VAL B 106 11.82 6.00 -17.05
C VAL B 106 10.81 7.12 -16.85
N GLY B 107 11.04 7.91 -15.81
CA GLY B 107 10.17 9.04 -15.52
C GLY B 107 10.64 9.81 -14.32
N LYS B 108 9.95 10.92 -14.06
CA LYS B 108 10.26 11.82 -12.99
C LYS B 108 9.22 11.62 -11.91
N ILE B 109 9.62 10.98 -10.82
CA ILE B 109 8.74 10.58 -9.74
C ILE B 109 8.90 11.57 -8.62
N GLN B 110 7.78 12.20 -8.27
CA GLN B 110 7.77 13.19 -7.23
C GLN B 110 7.11 12.63 -6.00
N GLY B 111 7.63 13.07 -4.85
CA GLY B 111 7.12 12.65 -3.56
C GLY B 111 7.68 13.53 -2.45
N LEU B 112 7.82 12.95 -1.26
CA LEU B 112 8.44 13.66 -0.14
C LEU B 112 9.64 12.88 0.35
N LEU B 113 10.71 13.63 0.61
CA LEU B 113 11.91 13.14 1.25
C LEU B 113 11.81 13.52 2.73
N THR B 114 11.84 12.55 3.62
CA THR B 114 11.69 12.79 5.06
C THR B 114 12.89 12.23 5.82
N GLN B 115 13.13 12.77 7.01
CA GLN B 115 14.30 12.43 7.78
C GLN B 115 14.03 12.63 9.28
N THR B 116 14.60 11.75 10.08
CA THR B 116 14.58 11.87 11.53
C THR B 116 16.02 11.97 12.03
N THR B 117 16.27 12.93 12.92
CA THR B 117 17.51 12.98 13.67
C THR B 117 17.40 12.06 14.89
N LYS B 118 18.24 11.03 14.96
CA LYS B 118 18.09 10.03 15.99
C LYS B 118 18.26 10.62 17.41
N GLY B 119 19.23 11.53 17.57
CA GLY B 119 19.55 12.05 18.90
C GLY B 119 18.39 12.69 19.65
N ASP B 120 17.56 13.46 18.96
CA ASP B 120 16.49 14.20 19.63
C ASP B 120 15.10 13.95 19.04
N GLY B 121 15.02 13.17 17.96
CA GLY B 121 13.74 12.89 17.33
C GLY B 121 13.17 14.06 16.54
N SER B 122 14.03 15.01 16.18
CA SER B 122 13.59 16.09 15.29
C SER B 122 13.44 15.52 13.89
N THR B 123 12.51 16.08 13.14
CA THR B 123 12.14 15.58 11.82
C THR B 123 11.97 16.70 10.80
N ARG B 124 11.97 16.34 9.52
CA ARG B 124 11.90 17.32 8.44
C ARG B 124 11.45 16.60 7.16
N GLY B 125 10.76 17.34 6.30
CA GLY B 125 10.21 16.76 5.10
C GLY B 125 10.17 17.80 4.00
N HIS B 126 10.56 17.39 2.79
CA HIS B 126 10.65 18.30 1.67
C HIS B 126 10.19 17.63 0.40
N LYS B 127 9.48 18.37 -0.45
CA LYS B 127 9.12 17.86 -1.77
C LYS B 127 10.38 17.53 -2.55
N ALA B 128 10.38 16.38 -3.22
CA ALA B 128 11.56 15.89 -3.93
C ALA B 128 11.16 15.09 -5.14
N THR B 129 12.05 15.06 -6.13
CA THR B 129 11.83 14.36 -7.38
C THR B 129 13.07 13.52 -7.69
N VAL B 130 12.85 12.29 -8.14
CA VAL B 130 13.93 11.46 -8.69
C VAL B 130 13.64 11.22 -10.17
N TYR B 131 14.63 11.47 -11.01
CA TYR B 131 14.51 11.27 -12.44
C TYR B 131 15.19 9.95 -12.80
N THR B 132 14.41 8.92 -13.08
CA THR B 132 14.98 7.59 -13.23
C THR B 132 15.71 7.39 -14.57
N GLY B 133 15.64 8.38 -15.46
CA GLY B 133 16.39 8.34 -16.71
C GLY B 133 17.69 9.12 -16.64
N SER B 134 18.03 9.67 -15.48
CA SER B 134 19.18 10.57 -15.32
C SER B 134 20.47 9.80 -15.05
N ALA B 135 21.61 10.43 -15.34
CA ALA B 135 22.89 9.74 -15.18
C ALA B 135 23.17 9.31 -13.71
N PRO B 136 22.80 10.15 -12.73
CA PRO B 136 23.01 9.73 -11.33
C PRO B 136 22.02 8.66 -10.83
N PHE B 137 21.08 8.24 -11.68
CA PHE B 137 20.16 7.18 -11.26
C PHE B 137 20.87 5.83 -11.41
N THR B 138 21.51 5.42 -10.33
CA THR B 138 22.33 4.19 -10.35
C THR B 138 21.99 3.31 -9.14
N PRO B 139 20.72 2.92 -8.99
CA PRO B 139 20.32 2.15 -7.81
C PRO B 139 21.05 0.82 -7.64
N LYS B 140 21.37 0.15 -8.74
CA LYS B 140 22.10 -1.10 -8.67
C LYS B 140 23.50 -0.88 -8.06
N LEU B 141 24.07 0.32 -8.24
CA LEU B 141 25.36 0.68 -7.65
C LEU B 141 25.21 1.27 -6.25
N GLY B 142 23.97 1.48 -5.82
CA GLY B 142 23.69 1.91 -4.45
C GLY B 142 23.52 3.41 -4.24
N SER B 143 23.25 4.12 -5.32
CA SER B 143 23.19 5.58 -5.29
C SER B 143 22.11 6.13 -6.25
N VAL B 144 21.25 7.03 -5.75
CA VAL B 144 20.37 7.81 -6.60
C VAL B 144 20.39 9.26 -6.17
N GLN B 145 19.96 10.15 -7.05
CA GLN B 145 19.94 11.58 -6.79
C GLN B 145 18.53 12.15 -6.74
N PHE B 146 18.29 13.04 -5.77
CA PHE B 146 16.99 13.73 -5.65
C PHE B 146 17.15 15.24 -5.83
N SER B 147 16.23 15.83 -6.55
CA SER B 147 16.13 17.29 -6.60
C SER B 147 15.09 17.71 -5.54
N THR B 148 15.42 18.69 -4.72
CA THR B 148 14.54 19.07 -3.62
C THR B 148 14.31 20.55 -3.62
N ASP B 149 13.65 21.04 -2.58
CA ASP B 149 13.45 22.47 -2.44
C ASP B 149 14.27 23.10 -1.30
N THR B 150 15.36 22.45 -0.88
CA THR B 150 16.22 23.03 0.16
C THR B 150 17.69 22.84 -0.20
N GLU B 151 18.53 23.76 0.25
CA GLU B 151 19.97 23.60 0.08
C GLU B 151 20.67 23.34 1.42
N ASN B 152 19.92 23.27 2.51
CA ASN B 152 20.58 23.08 3.79
C ASN B 152 19.83 22.33 4.90
N ASP B 153 18.57 21.95 4.70
CA ASP B 153 17.84 21.46 5.87
C ASP B 153 18.20 19.98 6.19
N PHE B 154 18.51 19.17 5.19
CA PHE B 154 18.80 17.76 5.46
C PHE B 154 20.17 17.57 6.13
N GLU B 155 20.19 16.69 7.11
CA GLU B 155 21.39 16.39 7.85
C GLU B 155 22.08 15.15 7.28
N THR B 156 23.40 15.08 7.48
CA THR B 156 24.17 13.89 7.10
C THR B 156 24.04 12.82 8.19
N HIS B 157 24.19 11.58 7.77
CA HIS B 157 24.21 10.42 8.66
C HIS B 157 22.99 10.33 9.54
N GLN B 158 21.84 10.61 8.93
CA GLN B 158 20.54 10.40 9.56
C GLN B 158 19.65 9.67 8.56
N ASN B 159 18.90 8.69 9.05
CA ASN B 159 17.97 7.92 8.23
C ASN B 159 16.96 8.81 7.49
N THR B 160 16.91 8.60 6.19
CA THR B 160 16.14 9.42 5.26
C THR B 160 15.31 8.51 4.36
N LYS B 161 14.06 8.86 4.12
CA LYS B 161 13.14 8.06 3.30
C LYS B 161 12.52 8.90 2.18
N PHE B 162 12.36 8.30 1.00
CA PHE B 162 11.55 8.88 -0.06
C PHE B 162 10.28 8.11 -0.19
N THR B 163 9.16 8.82 -0.10
CA THR B 163 7.84 8.26 -0.32
C THR B 163 7.28 8.81 -1.63
N PRO B 164 7.03 7.93 -2.62
CA PRO B 164 6.56 8.39 -3.91
C PRO B 164 5.09 8.82 -3.83
N VAL B 165 4.72 9.80 -4.64
CA VAL B 165 3.32 10.18 -4.77
C VAL B 165 2.82 10.12 -6.22
N GLY B 166 3.58 10.66 -7.15
CA GLY B 166 3.14 10.74 -8.52
C GLY B 166 4.27 11.09 -9.44
N VAL B 167 3.90 11.53 -10.65
CA VAL B 167 4.87 11.80 -11.72
C VAL B 167 4.70 13.19 -12.28
N ILE B 168 5.77 13.69 -12.88
CA ILE B 168 5.73 14.99 -13.53
C ILE B 168 6.24 14.91 -14.97
N GLN B 169 5.96 15.98 -15.70
CA GLN B 169 6.44 16.16 -17.05
C GLN B 169 6.88 17.60 -17.26
N ASP B 170 7.83 17.78 -18.18
CA ASP B 170 8.32 19.11 -18.52
C ASP B 170 7.33 19.77 -19.48
N GLY B 171 6.45 20.62 -18.95
CA GLY B 171 5.37 21.23 -19.71
C GLY B 171 5.78 22.11 -20.89
N SER B 172 7.08 22.33 -21.08
CA SER B 172 7.54 23.12 -22.22
C SER B 172 7.84 22.21 -23.42
N THR B 173 7.57 20.91 -23.25
CA THR B 173 7.78 19.96 -24.32
C THR B 173 6.48 19.18 -24.59
N THR B 174 6.46 18.40 -25.68
CA THR B 174 5.30 17.65 -26.16
C THR B 174 4.52 16.93 -25.07
N HIS B 175 3.21 17.14 -25.02
CA HIS B 175 2.43 16.58 -23.91
C HIS B 175 2.42 15.06 -23.88
N ARG B 176 2.47 14.55 -22.66
CA ARG B 176 2.37 13.11 -22.41
C ARG B 176 3.50 12.30 -23.02
N ASN B 177 4.67 12.92 -23.23
CA ASN B 177 5.89 12.25 -23.72
C ASN B 177 6.71 11.55 -22.61
N GLU B 178 6.35 11.80 -21.35
CA GLU B 178 6.96 11.10 -20.24
C GLU B 178 5.92 11.11 -19.12
N PRO B 179 6.03 10.17 -18.19
CA PRO B 179 6.90 8.99 -18.15
C PRO B 179 6.69 8.06 -19.32
N GLN B 180 7.62 7.12 -19.48
CA GLN B 180 7.57 6.06 -20.47
C GLN B 180 7.49 4.74 -19.75
N GLN B 181 6.29 4.23 -19.53
CA GLN B 181 6.12 3.12 -18.63
C GLN B 181 6.74 1.82 -19.15
N TRP B 182 7.01 1.72 -20.46
CA TRP B 182 7.57 0.48 -21.00
C TRP B 182 9.06 0.58 -21.32
N VAL B 183 9.69 1.66 -20.87
CA VAL B 183 11.14 1.84 -21.02
C VAL B 183 11.81 1.65 -19.67
N LEU B 184 12.63 0.62 -19.58
CA LEU B 184 13.36 0.35 -18.35
C LEU B 184 14.46 1.40 -18.13
N PRO B 185 14.65 1.82 -16.86
CA PRO B 185 15.82 2.64 -16.54
C PRO B 185 17.10 1.80 -16.73
N SER B 186 18.22 2.47 -16.78
CA SER B 186 19.53 1.81 -16.71
C SER B 186 19.96 1.78 -15.24
N TYR B 187 19.77 0.62 -14.61
CA TYR B 187 19.89 0.54 -13.17
C TYR B 187 21.32 0.85 -12.68
N SER B 188 22.33 0.64 -13.54
CA SER B 188 23.71 0.96 -13.20
C SER B 188 24.23 2.19 -13.95
N GLY B 189 23.33 2.95 -14.54
CA GLY B 189 23.72 4.17 -15.19
C GLY B 189 24.13 4.00 -16.62
N ARG B 190 24.79 5.05 -17.09
CA ARG B 190 25.17 5.17 -18.48
C ARG B 190 26.15 4.07 -18.88
N ASN B 191 25.83 3.45 -20.00
CA ASN B 191 26.73 2.49 -20.64
C ASN B 191 26.94 1.18 -19.94
N VAL B 192 26.13 0.89 -18.92
CA VAL B 192 26.15 -0.43 -18.27
C VAL B 192 24.82 -1.14 -18.55
N HIS B 193 24.84 -2.31 -19.16
CA HIS B 193 23.60 -3.01 -19.49
C HIS B 193 22.95 -3.59 -18.23
N ASN B 194 21.62 -3.63 -18.24
CA ASN B 194 20.87 -4.23 -17.13
C ASN B 194 21.07 -5.73 -17.11
N VAL B 195 20.99 -6.29 -15.92
CA VAL B 195 21.20 -7.72 -15.72
C VAL B 195 20.09 -8.37 -14.89
N HIS B 196 19.97 -9.69 -15.02
CA HIS B 196 19.07 -10.53 -14.20
C HIS B 196 17.61 -10.14 -14.32
N LEU B 197 17.23 -9.62 -15.48
CA LEU B 197 15.85 -9.16 -15.69
C LEU B 197 14.86 -10.30 -15.79
N ALA B 198 13.67 -10.07 -15.25
CA ALA B 198 12.52 -10.86 -15.63
C ALA B 198 12.33 -10.70 -17.14
N PRO B 199 11.92 -11.77 -17.83
CA PRO B 199 11.84 -11.73 -19.30
C PRO B 199 10.73 -10.84 -19.83
N ALA B 200 10.88 -10.42 -21.08
CA ALA B 200 9.84 -9.75 -21.81
C ALA B 200 8.71 -10.74 -22.00
N VAL B 201 7.49 -10.22 -22.07
CA VAL B 201 6.31 -11.03 -22.26
C VAL B 201 5.55 -10.64 -23.51
N ALA B 202 4.99 -11.64 -24.17
CA ALA B 202 4.21 -11.39 -25.36
C ALA B 202 3.19 -12.48 -25.57
N PRO B 203 2.05 -12.12 -26.14
CA PRO B 203 1.12 -13.17 -26.58
C PRO B 203 1.71 -13.89 -27.80
N THR B 204 1.66 -15.20 -27.82
CA THR B 204 2.12 -15.93 -29.01
C THR B 204 0.94 -16.47 -29.85
N PHE B 205 -0.20 -16.66 -29.19
CA PHE B 205 -1.31 -17.34 -29.81
C PHE B 205 -2.12 -16.39 -30.68
N PRO B 206 -2.46 -16.79 -31.92
CA PRO B 206 -3.20 -15.89 -32.80
C PRO B 206 -4.46 -15.32 -32.17
N GLY B 207 -4.64 -14.01 -32.31
CA GLY B 207 -5.84 -13.35 -31.81
C GLY B 207 -5.77 -12.90 -30.37
N GLU B 208 -4.66 -13.19 -29.69
CA GLU B 208 -4.58 -12.83 -28.28
C GLU B 208 -3.76 -11.56 -28.03
N GLN B 209 -4.12 -10.89 -26.93
CA GLN B 209 -3.42 -9.71 -26.41
C GLN B 209 -3.21 -9.89 -24.93
N LEU B 210 -2.23 -9.18 -24.38
CA LEU B 210 -2.09 -9.08 -22.95
C LEU B 210 -3.33 -8.39 -22.34
N LEU B 211 -3.67 -8.82 -21.14
CA LEU B 211 -4.65 -8.15 -20.28
C LEU B 211 -3.86 -7.46 -19.20
N PHE B 212 -4.03 -6.14 -19.11
CA PHE B 212 -3.33 -5.30 -18.17
C PHE B 212 -4.24 -4.85 -17.04
N PHE B 213 -3.66 -4.78 -15.85
CA PHE B 213 -4.29 -4.23 -14.67
C PHE B 213 -3.81 -2.79 -14.56
N ARG B 214 -4.72 -1.85 -14.79
CA ARG B 214 -4.39 -0.48 -15.05
C ARG B 214 -4.77 0.47 -13.90
N SER B 215 -3.89 1.43 -13.65
CA SER B 215 -4.11 2.55 -12.75
C SER B 215 -3.73 3.85 -13.43
N THR B 216 -4.10 4.94 -12.78
CA THR B 216 -3.72 6.29 -13.18
C THR B 216 -2.83 6.88 -12.09
N MET B 217 -1.56 7.10 -12.40
CA MET B 217 -0.67 7.71 -11.45
C MET B 217 -1.05 9.17 -11.22
N PRO B 218 -1.02 9.65 -9.97
CA PRO B 218 -1.19 11.10 -9.78
C PRO B 218 -0.15 11.91 -10.57
N GLY B 219 -0.57 13.02 -11.13
CA GLY B 219 0.33 13.96 -11.78
C GLY B 219 0.59 15.16 -10.87
N CYS B 220 1.83 15.62 -10.83
CA CYS B 220 2.25 16.65 -9.87
C CYS B 220 2.78 17.93 -10.53
N SER B 221 2.86 17.94 -11.86
CA SER B 221 3.33 19.09 -12.63
C SER B 221 3.39 18.73 -14.12
N GLY B 222 3.06 19.68 -14.98
CA GLY B 222 3.18 19.47 -16.42
C GLY B 222 2.07 18.60 -16.95
N TYR B 223 2.35 17.91 -18.05
CA TYR B 223 1.37 17.14 -18.77
C TYR B 223 1.86 15.70 -18.87
N PRO B 224 1.95 15.00 -17.74
CA PRO B 224 2.50 13.64 -17.81
C PRO B 224 1.57 12.60 -18.39
N ASN B 225 2.16 11.52 -18.94
CA ASN B 225 1.41 10.31 -19.23
C ASN B 225 1.22 9.52 -17.93
N MET B 226 -0.01 9.45 -17.45
CA MET B 226 -0.28 8.86 -16.14
C MET B 226 -0.74 7.41 -16.16
N ASP B 227 -0.87 6.81 -17.35
CA ASP B 227 -1.28 5.42 -17.43
C ASP B 227 -0.20 4.51 -16.87
N LEU B 228 -0.60 3.53 -16.06
CA LEU B 228 0.34 2.54 -15.52
C LEU B 228 -0.29 1.18 -15.51
N ASP B 229 0.28 0.28 -16.29
CA ASP B 229 -0.22 -1.06 -16.48
C ASP B 229 0.66 -2.07 -15.80
N CYS B 230 0.08 -2.97 -15.02
CA CYS B 230 0.88 -4.07 -14.47
C CYS B 230 0.34 -5.38 -14.97
N LEU B 231 1.16 -6.42 -14.88
CA LEU B 231 0.78 -7.73 -15.37
C LEU B 231 0.02 -8.57 -14.35
N LEU B 232 0.21 -8.24 -13.07
CA LEU B 232 -0.39 -8.96 -11.94
C LEU B 232 -0.67 -7.96 -10.82
N PRO B 233 -1.87 -7.99 -10.21
CA PRO B 233 -2.06 -7.21 -9.01
C PRO B 233 -1.08 -7.59 -7.92
N GLN B 234 -0.73 -6.64 -7.05
CA GLN B 234 0.18 -6.95 -5.97
C GLN B 234 -0.39 -8.05 -5.06
N GLU B 235 -1.71 -8.04 -4.87
CA GLU B 235 -2.32 -9.08 -4.08
C GLU B 235 -2.19 -10.48 -4.70
N TRP B 236 -2.10 -10.56 -6.03
CA TRP B 236 -1.86 -11.87 -6.66
C TRP B 236 -0.43 -12.31 -6.39
N VAL B 237 0.52 -11.37 -6.43
CA VAL B 237 1.90 -11.69 -6.06
C VAL B 237 1.97 -12.28 -4.65
N GLN B 238 1.32 -11.60 -3.69
CA GLN B 238 1.34 -12.07 -2.31
C GLN B 238 0.66 -13.43 -2.18
N HIS B 239 -0.41 -13.64 -2.93
CA HIS B 239 -1.17 -14.87 -2.88
C HIS B 239 -0.36 -16.06 -3.39
N PHE B 240 0.22 -15.92 -4.57
CA PHE B 240 1.03 -16.99 -5.14
C PHE B 240 2.25 -17.29 -4.28
N TYR B 241 2.89 -16.27 -3.76
CA TYR B 241 4.02 -16.43 -2.86
C TYR B 241 3.67 -17.30 -1.65
N GLN B 242 2.50 -17.07 -1.05
CA GLN B 242 2.09 -17.89 0.09
C GLN B 242 1.62 -19.29 -0.27
N GLU B 243 0.79 -19.37 -1.30
CA GLU B 243 0.18 -20.64 -1.70
C GLU B 243 1.20 -21.61 -2.31
N ALA B 244 2.05 -21.08 -3.18
CA ALA B 244 3.08 -21.88 -3.84
C ALA B 244 2.49 -23.18 -4.46
N ALA B 245 1.34 -23.04 -5.09
CA ALA B 245 0.69 -24.19 -5.69
C ALA B 245 1.34 -24.53 -7.03
N PRO B 246 1.76 -25.78 -7.23
CA PRO B 246 2.48 -26.09 -8.47
C PRO B 246 1.60 -25.97 -9.71
N ALA B 247 2.16 -25.43 -10.80
CA ALA B 247 1.44 -25.35 -12.08
C ALA B 247 1.32 -26.74 -12.71
N GLN B 248 0.10 -27.13 -13.07
CA GLN B 248 -0.13 -28.47 -13.62
C GLN B 248 -0.03 -28.46 -15.16
N SER B 249 0.00 -27.27 -15.72
CA SER B 249 0.21 -27.07 -17.13
C SER B 249 0.73 -25.67 -17.34
N ASP B 250 0.90 -25.26 -18.59
CA ASP B 250 1.46 -23.92 -18.86
C ASP B 250 0.52 -22.76 -18.58
N VAL B 251 -0.79 -23.05 -18.52
CA VAL B 251 -1.82 -22.02 -18.45
C VAL B 251 -2.94 -22.41 -17.52
N ALA B 252 -3.26 -21.49 -16.62
CA ALA B 252 -4.42 -21.58 -15.80
C ALA B 252 -5.55 -20.81 -16.47
N LEU B 253 -6.62 -21.52 -16.82
CA LEU B 253 -7.79 -20.88 -17.40
C LEU B 253 -8.63 -20.23 -16.32
N LEU B 254 -8.80 -18.90 -16.44
CA LEU B 254 -9.60 -18.13 -15.50
C LEU B 254 -10.87 -17.67 -16.17
N ARG B 255 -11.96 -17.66 -15.41
CA ARG B 255 -13.21 -17.07 -15.84
C ARG B 255 -13.50 -15.84 -14.97
N PHE B 256 -13.90 -14.75 -15.61
CA PHE B 256 -14.28 -13.55 -14.89
C PHE B 256 -15.81 -13.54 -14.78
N VAL B 257 -16.30 -13.61 -13.55
CA VAL B 257 -17.71 -13.88 -13.26
C VAL B 257 -18.43 -12.65 -12.72
N ASN B 258 -19.68 -12.48 -13.14
CA ASN B 258 -20.57 -11.41 -12.65
C ASN B 258 -21.53 -11.97 -11.64
N PRO B 259 -21.36 -11.65 -10.35
CA PRO B 259 -22.27 -12.26 -9.39
C PRO B 259 -23.72 -11.80 -9.55
N ASP B 260 -23.96 -10.63 -10.11
CA ASP B 260 -25.36 -10.14 -10.26
C ASP B 260 -26.19 -10.93 -11.26
N THR B 261 -25.53 -11.71 -12.11
CA THR B 261 -26.21 -12.55 -13.09
C THR B 261 -25.81 -14.03 -12.94
N GLY B 262 -24.67 -14.30 -12.32
CA GLY B 262 -24.15 -15.66 -12.23
C GLY B 262 -23.46 -16.12 -13.51
N ARG B 263 -23.31 -15.21 -14.46
CA ARG B 263 -22.75 -15.54 -15.77
C ARG B 263 -21.30 -15.09 -15.90
N VAL B 264 -20.57 -15.82 -16.75
CA VAL B 264 -19.21 -15.47 -17.11
C VAL B 264 -19.21 -14.31 -18.09
N LEU B 265 -18.40 -13.29 -17.78
CA LEU B 265 -18.26 -12.13 -18.64
C LEU B 265 -17.21 -12.39 -19.73
N PHE B 266 -16.08 -12.95 -19.33
CA PHE B 266 -15.06 -13.36 -20.27
C PHE B 266 -14.14 -14.40 -19.63
N GLU B 267 -13.37 -15.10 -20.47
CA GLU B 267 -12.33 -15.99 -19.97
C GLU B 267 -10.96 -15.51 -20.44
N CYS B 268 -9.93 -15.93 -19.73
CA CYS B 268 -8.57 -15.50 -20.02
C CYS B 268 -7.57 -16.56 -19.58
N LYS B 269 -6.35 -16.42 -20.08
CA LYS B 269 -5.27 -17.34 -19.78
C LYS B 269 -4.29 -16.70 -18.82
N LEU B 270 -4.11 -17.29 -17.65
CA LEU B 270 -3.03 -16.92 -16.75
C LEU B 270 -1.87 -17.88 -16.98
N HIS B 271 -0.85 -17.35 -17.63
CA HIS B 271 0.34 -18.13 -17.94
C HIS B 271 1.15 -18.36 -16.69
N LYS B 272 1.72 -19.55 -16.56
CA LYS B 272 2.36 -19.92 -15.30
C LYS B 272 3.54 -19.00 -14.97
N SER B 273 4.14 -18.36 -15.97
CA SER B 273 5.26 -17.42 -15.71
C SER B 273 4.79 -16.02 -15.25
N GLY B 274 3.48 -15.82 -15.17
CA GLY B 274 2.91 -14.68 -14.48
C GLY B 274 2.42 -13.51 -15.34
N TYR B 275 1.54 -13.79 -16.29
CA TYR B 275 0.88 -12.74 -17.04
C TYR B 275 -0.38 -13.31 -17.65
N VAL B 276 -1.27 -12.42 -18.10
CA VAL B 276 -2.60 -12.82 -18.57
C VAL B 276 -2.85 -12.40 -20.02
N THR B 277 -3.46 -13.29 -20.79
CA THR B 277 -3.90 -12.95 -22.14
C THR B 277 -5.39 -13.18 -22.32
N VAL B 278 -5.93 -12.45 -23.29
CA VAL B 278 -7.35 -12.53 -23.68
C VAL B 278 -7.44 -12.56 -25.20
N ALA B 279 -8.55 -13.08 -25.70
CA ALA B 279 -8.81 -13.09 -27.14
C ALA B 279 -9.51 -11.81 -27.55
N HIS B 280 -8.73 -10.87 -28.03
CA HIS B 280 -9.23 -9.58 -28.50
C HIS B 280 -8.22 -8.92 -29.40
N THR B 281 -8.70 -8.14 -30.37
CA THR B 281 -7.85 -7.35 -31.25
C THR B 281 -8.27 -5.86 -31.15
N GLY B 282 -7.36 -5.02 -30.66
CA GLY B 282 -7.59 -3.61 -30.52
C GLY B 282 -7.45 -3.12 -29.09
N GLN B 283 -7.45 -1.80 -28.93
CA GLN B 283 -7.45 -1.17 -27.61
C GLN B 283 -8.85 -1.20 -27.03
N HIS B 284 -8.98 -1.57 -25.76
CA HIS B 284 -10.29 -1.67 -25.13
C HIS B 284 -10.18 -1.55 -23.63
N ASP B 285 -10.91 -0.56 -23.08
CA ASP B 285 -11.16 -0.47 -21.65
C ASP B 285 -12.28 -1.44 -21.34
N LEU B 286 -12.02 -2.47 -20.55
CA LEU B 286 -13.07 -3.42 -20.21
C LEU B 286 -14.10 -2.77 -19.31
N VAL B 287 -15.36 -3.08 -19.56
CA VAL B 287 -16.45 -2.60 -18.71
C VAL B 287 -16.88 -3.78 -17.86
N ILE B 288 -16.67 -3.67 -16.55
CA ILE B 288 -16.90 -4.78 -15.63
C ILE B 288 -17.79 -4.34 -14.47
N PRO B 289 -18.56 -5.28 -13.91
CA PRO B 289 -19.34 -4.94 -12.72
C PRO B 289 -18.40 -4.78 -11.53
N PRO B 290 -18.75 -3.89 -10.59
CA PRO B 290 -17.88 -3.59 -9.45
C PRO B 290 -17.58 -4.80 -8.57
N ASN B 291 -18.48 -5.77 -8.56
CA ASN B 291 -18.32 -7.00 -7.79
C ASN B 291 -17.81 -8.20 -8.63
N GLY B 292 -17.44 -7.94 -9.88
CA GLY B 292 -16.87 -9.01 -10.72
C GLY B 292 -15.57 -9.55 -10.15
N TYR B 293 -15.29 -10.83 -10.38
CA TYR B 293 -14.05 -11.42 -9.89
C TYR B 293 -13.54 -12.55 -10.78
N PHE B 294 -12.25 -12.84 -10.65
CA PHE B 294 -11.59 -13.93 -11.37
C PHE B 294 -11.69 -15.24 -10.59
N ARG B 295 -11.91 -16.32 -11.31
CA ARG B 295 -12.04 -17.65 -10.73
C ARG B 295 -11.25 -18.65 -11.56
N PHE B 296 -10.35 -19.38 -10.92
CA PHE B 296 -9.63 -20.45 -11.60
C PHE B 296 -10.55 -21.59 -11.92
N ASP B 297 -10.55 -22.05 -13.16
CA ASP B 297 -11.39 -23.18 -13.53
C ASP B 297 -10.66 -24.46 -13.89
N SER B 298 -9.59 -24.37 -14.68
CA SER B 298 -8.84 -25.59 -15.01
C SER B 298 -7.49 -25.28 -15.63
N TRP B 299 -6.64 -26.30 -15.62
CA TRP B 299 -5.35 -26.24 -16.27
C TRP B 299 -5.53 -26.65 -17.73
N VAL B 300 -5.09 -25.78 -18.64
CA VAL B 300 -5.16 -26.01 -20.07
C VAL B 300 -3.79 -25.83 -20.69
N ASN B 301 -3.62 -26.08 -21.99
CA ASN B 301 -2.30 -25.83 -22.55
C ASN B 301 -2.31 -24.47 -23.22
N GLN B 302 -1.14 -24.05 -23.67
CA GLN B 302 -0.94 -22.74 -24.28
C GLN B 302 -1.74 -22.52 -25.54
N PHE B 303 -2.16 -23.61 -26.17
CA PHE B 303 -2.82 -23.58 -27.47
C PHE B 303 -4.34 -23.72 -27.36
N TYR B 304 -4.84 -23.57 -26.14
CA TYR B 304 -6.26 -23.50 -25.89
C TYR B 304 -6.84 -22.24 -26.53
N THR B 305 -7.97 -22.38 -27.22
CA THR B 305 -8.63 -21.24 -27.86
C THR B 305 -9.67 -20.62 -26.95
N LEU B 306 -9.44 -19.37 -26.58
CA LEU B 306 -10.39 -18.64 -25.76
C LEU B 306 -11.61 -18.17 -26.54
N ALA B 307 -12.75 -18.15 -25.89
CA ALA B 307 -13.88 -17.44 -26.43
C ALA B 307 -13.53 -15.95 -26.52
N PRO B 308 -13.94 -15.29 -27.60
CA PRO B 308 -13.60 -13.88 -27.74
C PRO B 308 -14.07 -13.07 -26.55
N MET B 309 -13.20 -12.18 -26.10
CA MET B 309 -13.52 -11.34 -24.96
C MET B 309 -14.78 -10.53 -25.24
#